data_6UMJ
#
_entry.id   6UMJ
#
_cell.length_a   73.481
_cell.length_b   73.481
_cell.length_c   177.167
_cell.angle_alpha   90.000
_cell.angle_beta   90.000
_cell.angle_gamma   120.000
#
_symmetry.space_group_name_H-M   'P 32 2 1'
#
loop_
_entity.id
_entity.type
_entity.pdbx_description
1 polymer 'erenumab Fab heavy chain, IgG1'
2 polymer 'erenumab Fab light chain, IgG1'
3 non-polymer 1,3-BUTANEDIOL
4 non-polymer (4S)-2-METHYL-2,4-PENTANEDIOL
5 water water
#
loop_
_entity_poly.entity_id
_entity_poly.type
_entity_poly.pdbx_seq_one_letter_code
_entity_poly.pdbx_strand_id
1 'polypeptide(L)'
;QVQLVESGGGVVQPGRSLRLSCAASGFTFSSFGMHWVRQAPGKGLEWVAVISFDGSIKYSVDSVKGRFTISRDNSKNTLF
LQMNSLRAEDTAVYYCARDRLNYYDSSGYYHYKYYGMAVWGQGTTVTVSSASTKGPSVFPLAPSSKSTSGGTAALGCLVK
DYFPEPVTVSWNSGALTSGVHTFPAVLQSSGLYSLSSVVTVPSSSLGTQTYICNVNHKPSNTKVDKKVEPKSCDEVD
;
H
2 'polypeptide(L)'
;QSVLTQPPSVSAAPGQKVTISCSGSSSNIGNNYVSWYQQLPGTAPKLLIYDNNKRPSGIPDRFSGSKSGTSTTLGITGLQ
TGDEADYYCGTWDSRLSAVVFGGGTKLTVLGQPKANPTVTLFPPSSEELQANKATLVCLISDFYPGAVTVAWKADGSPVK
AGVETTKPSKQSNNKYAASSYLSLTPEQWKSHRSYSCQVTHEGSTVEKTVAPTECS
;
L
#
loop_
_chem_comp.id
_chem_comp.type
_chem_comp.name
_chem_comp.formula
BU2 non-polymer 1,3-BUTANEDIOL 'C4 H10 O2'
MPD non-polymer (4S)-2-METHYL-2,4-PENTANEDIOL 'C6 H14 O2'
#
# COMPACT_ATOMS: atom_id res chain seq x y z
N GLN A 1 -19.57 -16.37 -11.28
CA GLN A 1 -20.57 -15.57 -12.03
C GLN A 1 -20.87 -14.22 -11.36
N VAL A 2 -21.15 -14.26 -10.07
CA VAL A 2 -21.44 -13.04 -9.29
C VAL A 2 -20.15 -12.24 -9.08
N GLN A 3 -20.01 -11.12 -9.79
CA GLN A 3 -18.82 -10.29 -9.67
C GLN A 3 -19.03 -8.86 -10.15
N LEU A 4 -18.04 -8.01 -9.86
CA LEU A 4 -18.03 -6.62 -10.28
C LEU A 4 -16.66 -6.27 -10.85
N VAL A 5 -16.61 -5.83 -12.11
CA VAL A 5 -15.36 -5.47 -12.76
C VAL A 5 -15.31 -3.96 -12.99
N GLU A 6 -14.29 -3.31 -12.46
CA GLU A 6 -14.14 -1.86 -12.53
C GLU A 6 -13.09 -1.36 -13.50
N SER A 7 -13.27 -0.13 -13.95
CA SER A 7 -12.35 0.49 -14.90
C SER A 7 -12.47 2.01 -14.84
N GLY A 8 -11.63 2.70 -15.59
CA GLY A 8 -11.67 4.16 -15.68
C GLY A 8 -10.67 4.90 -14.83
N GLY A 9 -9.96 4.17 -13.95
CA GLY A 9 -8.92 4.77 -13.12
C GLY A 9 -7.72 5.22 -13.95
N GLY A 10 -6.90 6.10 -13.37
CA GLY A 10 -5.72 6.60 -14.07
C GLY A 10 -5.00 7.71 -13.33
N VAL A 11 -4.14 8.40 -14.08
CA VAL A 11 -3.32 9.48 -13.54
C VAL A 11 -3.78 10.83 -14.11
N VAL A 12 -4.22 11.72 -13.24
CA VAL A 12 -4.69 13.06 -13.64
C VAL A 12 -4.23 14.13 -12.66
N GLN A 13 -4.13 15.37 -13.15
CA GLN A 13 -3.67 16.48 -12.33
C GLN A 13 -4.80 17.04 -11.46
N PRO A 14 -4.44 17.78 -10.39
CA PRO A 14 -5.40 18.48 -9.54
C PRO A 14 -6.41 19.31 -10.34
N GLY A 15 -7.69 19.21 -9.98
CA GLY A 15 -8.75 19.97 -10.63
C GLY A 15 -9.43 19.27 -11.80
N ARG A 16 -8.78 18.26 -12.37
CA ARG A 16 -9.31 17.53 -13.51
C ARG A 16 -10.37 16.52 -13.09
N SER A 17 -11.03 15.91 -14.08
CA SER A 17 -12.10 14.95 -13.82
C SER A 17 -11.72 13.54 -14.27
N LEU A 18 -12.51 12.57 -13.81
CA LEU A 18 -12.33 11.17 -14.19
C LEU A 18 -13.66 10.43 -14.01
N ARG A 19 -13.94 9.49 -14.91
CA ARG A 19 -15.17 8.71 -14.86
C ARG A 19 -14.82 7.24 -14.61
N LEU A 20 -15.30 6.70 -13.49
CA LEU A 20 -15.09 5.30 -13.15
C LEU A 20 -16.31 4.48 -13.56
N SER A 21 -16.08 3.22 -13.93
CA SER A 21 -17.14 2.29 -14.28
C SER A 21 -17.07 1.05 -13.39
N CYS A 22 -18.20 0.35 -13.28
CA CYS A 22 -18.29 -0.88 -12.50
C CYS A 22 -19.38 -1.76 -13.10
N ALA A 23 -18.98 -2.65 -14.01
CA ALA A 23 -19.90 -3.54 -14.71
C ALA A 23 -20.25 -4.75 -13.84
N ALA A 24 -21.55 -4.93 -13.60
CA ALA A 24 -22.02 -6.02 -12.74
C ALA A 24 -22.54 -7.20 -13.58
N SER A 25 -22.48 -8.39 -13.01
CA SER A 25 -22.99 -9.60 -13.65
C SER A 25 -23.18 -10.72 -12.62
N GLY A 26 -24.08 -11.66 -12.93
CA GLY A 26 -24.40 -12.77 -12.04
C GLY A 26 -25.54 -12.48 -11.07
N PHE A 27 -26.18 -11.33 -11.21
CA PHE A 27 -27.32 -10.96 -10.37
C PHE A 27 -28.09 -9.81 -11.03
N THR A 28 -29.31 -9.58 -10.55
CA THR A 28 -30.14 -8.49 -11.08
C THR A 28 -29.65 -7.15 -10.53
N PHE A 29 -28.74 -6.53 -11.27
CA PHE A 29 -28.11 -5.25 -10.89
C PHE A 29 -29.14 -4.15 -10.56
N SER A 30 -30.27 -4.16 -11.26
CA SER A 30 -31.32 -3.15 -11.07
C SER A 30 -32.08 -3.26 -9.74
N SER A 31 -31.90 -4.35 -9.01
CA SER A 31 -32.59 -4.57 -7.74
C SER A 31 -31.84 -4.04 -6.53
N PHE A 32 -30.50 -4.08 -6.59
CA PHE A 32 -29.66 -3.80 -5.41
C PHE A 32 -29.17 -2.35 -5.33
N GLY A 33 -28.89 -1.91 -4.10
CA GLY A 33 -28.19 -0.66 -3.87
C GLY A 33 -26.70 -0.85 -4.07
N MET A 34 -26.03 0.19 -4.55
CA MET A 34 -24.61 0.09 -4.91
C MET A 34 -23.79 1.20 -4.23
N HIS A 35 -22.57 0.85 -3.82
CA HIS A 35 -21.69 1.77 -3.10
C HIS A 35 -20.40 2.02 -3.86
N TRP A 36 -19.72 3.10 -3.48
CA TRP A 36 -18.32 3.33 -3.83
C TRP A 36 -17.55 3.48 -2.53
N VAL A 37 -16.50 2.68 -2.36
CA VAL A 37 -15.64 2.74 -1.19
C VAL A 37 -14.20 2.87 -1.68
N ARG A 38 -13.47 3.83 -1.12
CA ARG A 38 -12.09 4.08 -1.55
C ARG A 38 -11.10 3.83 -0.42
N GLN A 39 -9.85 3.58 -0.80
CA GLN A 39 -8.78 3.30 0.15
C GLN A 39 -7.50 3.94 -0.33
N ALA A 40 -7.08 5.00 0.35
CA ALA A 40 -5.81 5.68 0.05
C ALA A 40 -4.65 4.74 0.36
N PRO A 41 -3.55 4.84 -0.39
CA PRO A 41 -2.44 3.89 -0.22
C PRO A 41 -1.95 3.79 1.23
N GLY A 42 -2.10 2.61 1.82
CA GLY A 42 -1.68 2.37 3.20
C GLY A 42 -2.58 3.03 4.25
N LYS A 43 -3.84 3.27 3.88
CA LYS A 43 -4.80 3.90 4.79
C LYS A 43 -6.05 3.03 4.92
N GLY A 44 -7.02 3.47 5.73
CA GLY A 44 -8.26 2.73 5.94
C GLY A 44 -9.28 2.91 4.83
N LEU A 45 -10.36 2.13 4.92
CA LEU A 45 -11.47 2.24 3.97
C LEU A 45 -12.30 3.47 4.28
N GLU A 46 -12.49 4.33 3.28
CA GLU A 46 -13.38 5.48 3.41
C GLU A 46 -14.57 5.32 2.48
N TRP A 47 -15.76 5.24 3.05
CA TRP A 47 -16.98 5.19 2.26
C TRP A 47 -17.13 6.50 1.49
N VAL A 48 -17.47 6.40 0.20
CA VAL A 48 -17.57 7.58 -0.66
C VAL A 48 -19.03 7.96 -0.93
N ALA A 49 -19.81 7.02 -1.47
CA ALA A 49 -21.20 7.29 -1.80
C ALA A 49 -22.03 6.02 -1.96
N VAL A 50 -23.33 6.20 -2.07
CA VAL A 50 -24.28 5.10 -2.27
C VAL A 50 -25.39 5.55 -3.21
N ILE A 51 -25.93 4.61 -3.99
CA ILE A 51 -27.07 4.88 -4.86
C ILE A 51 -28.10 3.75 -4.74
N SER A 52 -29.38 4.13 -4.78
CA SER A 52 -30.47 3.17 -4.61
C SER A 52 -30.66 2.31 -5.87
N PHE A 53 -31.55 1.33 -5.77
CA PHE A 53 -31.86 0.43 -6.89
C PHE A 53 -32.30 1.17 -8.16
N ASP A 54 -33.06 2.24 -8.00
CA ASP A 54 -33.60 3.00 -9.14
C ASP A 54 -32.92 4.35 -9.37
N GLY A 55 -31.91 4.67 -8.57
CA GLY A 55 -31.16 5.92 -8.70
C GLY A 55 -31.82 7.15 -8.14
N SER A 56 -32.95 6.97 -7.45
CA SER A 56 -33.74 8.09 -6.94
C SER A 56 -33.26 8.60 -5.58
N ILE A 57 -32.50 7.77 -4.86
CA ILE A 57 -31.95 8.15 -3.56
C ILE A 57 -30.44 7.96 -3.55
N LYS A 58 -29.72 9.00 -3.14
CA LYS A 58 -28.26 8.99 -3.10
C LYS A 58 -27.74 9.67 -1.84
N TYR A 59 -26.62 9.17 -1.32
CA TYR A 59 -25.90 9.80 -0.22
C TYR A 59 -24.40 9.75 -0.49
N SER A 60 -23.66 10.67 0.12
CA SER A 60 -22.20 10.69 0.01
C SER A 60 -21.56 11.46 1.16
N VAL A 61 -20.26 11.25 1.35
CA VAL A 61 -19.50 12.00 2.36
C VAL A 61 -19.43 13.48 1.99
N ASP A 62 -19.36 14.32 3.02
CA ASP A 62 -19.28 15.77 2.83
C ASP A 62 -18.05 16.19 2.00
N SER A 63 -16.96 15.42 2.15
CA SER A 63 -15.72 15.64 1.39
C SER A 63 -15.94 15.78 -0.12
N VAL A 64 -16.85 14.98 -0.67
CA VAL A 64 -17.03 14.88 -2.12
C VAL A 64 -18.35 15.48 -2.65
N LYS A 65 -19.17 16.05 -1.77
CA LYS A 65 -20.44 16.65 -2.19
C LYS A 65 -20.20 17.86 -3.09
N GLY A 66 -20.84 17.86 -4.25
CA GLY A 66 -20.66 18.92 -5.25
C GLY A 66 -19.50 18.68 -6.21
N ARG A 67 -18.71 17.64 -5.96
CA ARG A 67 -17.60 17.27 -6.82
C ARG A 67 -17.85 15.92 -7.49
N PHE A 68 -18.19 14.92 -6.67
CA PHE A 68 -18.44 13.57 -7.16
C PHE A 68 -19.93 13.34 -7.39
N THR A 69 -20.27 12.65 -8.48
CA THR A 69 -21.66 12.34 -8.80
C THR A 69 -21.81 10.85 -9.09
N ILE A 70 -22.45 10.14 -8.16
CA ILE A 70 -22.76 8.72 -8.36
C ILE A 70 -24.00 8.58 -9.25
N SER A 71 -23.96 7.61 -10.15
CA SER A 71 -25.08 7.33 -11.06
C SER A 71 -24.98 5.91 -11.59
N ARG A 72 -26.02 5.45 -12.27
CA ARG A 72 -26.05 4.10 -12.80
C ARG A 72 -26.87 3.97 -14.09
N ASP A 73 -26.71 2.83 -14.76
CA ASP A 73 -27.47 2.50 -15.96
C ASP A 73 -27.94 1.04 -15.83
N ASN A 74 -29.20 0.87 -15.45
CA ASN A 74 -29.76 -0.47 -15.20
C ASN A 74 -29.96 -1.32 -16.45
N SER A 75 -30.23 -0.67 -17.58
CA SER A 75 -30.31 -1.37 -18.87
C SER A 75 -28.95 -1.91 -19.32
N LYS A 76 -27.88 -1.30 -18.82
CA LYS A 76 -26.52 -1.68 -19.18
C LYS A 76 -25.74 -2.34 -18.04
N ASN A 77 -26.39 -2.51 -16.91
CA ASN A 77 -25.77 -3.11 -15.72
C ASN A 77 -24.41 -2.51 -15.36
N THR A 78 -24.39 -1.18 -15.20
CA THR A 78 -23.15 -0.46 -14.92
C THR A 78 -23.36 0.63 -13.87
N LEU A 79 -22.46 0.69 -12.90
CA LEU A 79 -22.42 1.76 -11.91
C LEU A 79 -21.34 2.77 -12.30
N PHE A 80 -21.60 4.05 -12.05
CA PHE A 80 -20.67 5.12 -12.42
C PHE A 80 -20.34 6.02 -11.24
N LEU A 81 -19.16 6.66 -11.30
CA LEU A 81 -18.76 7.70 -10.36
C LEU A 81 -18.03 8.81 -11.11
N GLN A 82 -18.78 9.88 -11.42
CA GLN A 82 -18.20 11.03 -12.10
C GLN A 82 -17.48 11.90 -11.09
N MET A 83 -16.16 11.78 -11.05
CA MET A 83 -15.32 12.56 -10.13
C MET A 83 -14.82 13.83 -10.81
N ASN A 84 -15.29 14.98 -10.34
CA ASN A 84 -14.82 16.28 -10.83
C ASN A 84 -13.99 16.99 -9.77
N SER A 85 -13.24 18.00 -10.19
CA SER A 85 -12.44 18.83 -9.28
C SER A 85 -11.61 17.98 -8.32
N LEU A 86 -10.79 17.10 -8.88
CA LEU A 86 -10.02 16.14 -8.09
C LEU A 86 -8.90 16.82 -7.29
N ARG A 87 -8.76 16.41 -6.03
CA ARG A 87 -7.71 16.90 -5.14
C ARG A 87 -6.70 15.81 -4.88
N ALA A 88 -5.62 16.14 -4.18
CA ALA A 88 -4.57 15.17 -3.83
C ALA A 88 -5.12 14.07 -2.92
N GLU A 89 -6.00 14.43 -1.99
CA GLU A 89 -6.57 13.46 -1.05
C GLU A 89 -7.56 12.47 -1.68
N ASP A 90 -7.94 12.70 -2.94
CA ASP A 90 -8.77 11.76 -3.68
C ASP A 90 -7.95 10.57 -4.21
N THR A 91 -6.62 10.69 -4.20
CA THR A 91 -5.74 9.60 -4.61
C THR A 91 -6.01 8.35 -3.77
N ALA A 92 -6.52 7.31 -4.42
CA ALA A 92 -6.87 6.07 -3.73
C ALA A 92 -7.22 4.94 -4.70
N VAL A 93 -7.40 3.73 -4.16
CA VAL A 93 -7.98 2.62 -4.89
C VAL A 93 -9.49 2.66 -4.62
N TYR A 94 -10.29 2.68 -5.69
CA TYR A 94 -11.74 2.80 -5.57
C TYR A 94 -12.44 1.47 -5.83
N TYR A 95 -13.10 0.93 -4.81
CA TYR A 95 -13.90 -0.28 -4.93
C TYR A 95 -15.38 0.07 -5.11
N CYS A 96 -16.10 -0.72 -5.91
CA CYS A 96 -17.55 -0.67 -5.97
C CYS A 96 -18.10 -1.91 -5.27
N ALA A 97 -19.18 -1.74 -4.52
CA ALA A 97 -19.75 -2.83 -3.74
C ALA A 97 -21.27 -2.84 -3.78
N ARG A 98 -21.85 -4.00 -3.50
CA ARG A 98 -23.29 -4.21 -3.58
C ARG A 98 -23.85 -4.56 -2.20
N ASP A 99 -25.04 -4.04 -1.89
CA ASP A 99 -25.75 -4.43 -0.67
C ASP A 99 -26.00 -5.93 -0.65
N ARG A 100 -26.09 -6.50 0.55
CA ARG A 100 -26.37 -7.92 0.71
C ARG A 100 -27.78 -8.27 0.25
N LEU A 101 -28.73 -7.36 0.49
CA LEU A 101 -30.13 -7.56 0.12
C LEU A 101 -30.60 -6.48 -0.86
N ASN A 102 -31.45 -6.88 -1.80
CA ASN A 102 -32.00 -5.94 -2.79
C ASN A 102 -32.92 -4.89 -2.18
N TYR A 103 -33.75 -5.32 -1.23
CA TYR A 103 -34.70 -4.42 -0.57
C TYR A 103 -34.02 -3.66 0.56
N TYR A 104 -34.30 -2.36 0.65
CA TYR A 104 -33.83 -1.54 1.76
C TYR A 104 -34.98 -1.28 2.74
N ASP A 105 -34.64 -0.85 3.95
CA ASP A 105 -35.60 -0.70 5.03
C ASP A 105 -35.43 0.67 5.69
N SER A 106 -36.11 1.66 5.13
CA SER A 106 -36.01 3.05 5.61
C SER A 106 -37.16 3.41 6.54
N SER A 107 -36.92 4.41 7.38
CA SER A 107 -37.97 5.01 8.21
C SER A 107 -37.79 6.52 8.27
N GLY A 108 -37.34 7.09 7.16
CA GLY A 108 -37.02 8.52 7.07
C GLY A 108 -35.76 8.78 6.28
N TYR A 109 -35.43 10.05 6.12
CA TYR A 109 -34.23 10.48 5.39
C TYR A 109 -32.93 10.01 6.06
N TYR A 110 -32.96 9.91 7.40
CA TYR A 110 -31.75 9.62 8.18
C TYR A 110 -31.61 8.16 8.63
N HIS A 111 -32.56 7.29 8.29
CA HIS A 111 -32.57 5.92 8.81
C HIS A 111 -32.69 4.87 7.72
N TYR A 112 -31.69 3.98 7.67
CA TYR A 112 -31.73 2.78 6.82
C TYR A 112 -31.05 1.63 7.57
N LYS A 113 -31.56 0.42 7.40
CA LYS A 113 -30.96 -0.72 8.04
C LYS A 113 -29.75 -1.14 7.21
N TYR A 114 -28.62 -1.34 7.88
CA TYR A 114 -27.36 -1.71 7.24
C TYR A 114 -27.27 -3.24 7.19
N TYR A 115 -27.38 -3.78 5.98
CA TYR A 115 -27.32 -5.24 5.78
C TYR A 115 -25.94 -5.72 5.35
N GLY A 116 -25.02 -4.78 5.10
CA GLY A 116 -23.64 -5.12 4.76
C GLY A 116 -23.39 -5.13 3.27
N MET A 117 -22.13 -4.95 2.89
CA MET A 117 -21.71 -4.96 1.49
C MET A 117 -21.19 -6.35 1.13
N ALA A 118 -22.04 -7.14 0.46
CA ALA A 118 -21.77 -8.56 0.24
C ALA A 118 -20.80 -8.83 -0.91
N VAL A 119 -21.00 -8.14 -2.03
CA VAL A 119 -20.15 -8.31 -3.21
C VAL A 119 -19.24 -7.11 -3.38
N TRP A 120 -17.96 -7.37 -3.69
CA TRP A 120 -16.96 -6.32 -3.89
C TRP A 120 -16.23 -6.53 -5.21
N GLY A 121 -15.79 -5.43 -5.81
CA GLY A 121 -14.96 -5.48 -7.02
C GLY A 121 -13.50 -5.60 -6.65
N GLN A 122 -12.63 -5.71 -7.66
CA GLN A 122 -11.19 -5.84 -7.44
C GLN A 122 -10.50 -4.48 -7.27
N GLY A 123 -11.19 -3.42 -7.66
CA GLY A 123 -10.69 -2.05 -7.48
C GLY A 123 -10.06 -1.46 -8.72
N THR A 124 -10.02 -0.14 -8.77
CA THR A 124 -9.32 0.59 -9.83
C THR A 124 -8.60 1.80 -9.21
N THR A 125 -7.35 2.00 -9.60
CA THR A 125 -6.48 2.98 -8.95
C THR A 125 -6.62 4.38 -9.57
N VAL A 126 -6.83 5.37 -8.71
CA VAL A 126 -6.85 6.77 -9.09
C VAL A 126 -5.67 7.46 -8.42
N THR A 127 -4.83 8.13 -9.21
CA THR A 127 -3.67 8.84 -8.70
C THR A 127 -3.72 10.30 -9.11
N VAL A 128 -3.96 11.19 -8.15
CA VAL A 128 -4.04 12.62 -8.41
C VAL A 128 -2.72 13.30 -8.03
N SER A 129 -2.03 13.85 -9.01
CA SER A 129 -0.73 14.49 -8.79
C SER A 129 -0.40 15.51 -9.88
N SER A 130 0.29 16.58 -9.48
CA SER A 130 0.69 17.64 -10.41
C SER A 130 1.97 17.30 -11.18
N ALA A 131 2.64 16.20 -10.82
CA ALA A 131 3.85 15.77 -11.51
C ALA A 131 3.56 15.35 -12.94
N SER A 132 4.52 15.60 -13.83
CA SER A 132 4.40 15.22 -15.24
C SER A 132 5.10 13.90 -15.49
N THR A 133 4.70 13.23 -16.58
CA THR A 133 5.29 11.96 -16.97
C THR A 133 6.78 12.14 -17.25
N LYS A 134 7.62 11.36 -16.58
CA LYS A 134 9.07 11.43 -16.76
C LYS A 134 9.68 10.04 -16.66
N GLY A 135 10.64 9.76 -17.52
CA GLY A 135 11.38 8.50 -17.48
C GLY A 135 12.46 8.53 -16.41
N PRO A 136 12.85 7.35 -15.91
CA PRO A 136 13.89 7.28 -14.88
C PRO A 136 15.31 7.46 -15.42
N SER A 137 16.19 7.99 -14.57
CA SER A 137 17.62 7.90 -14.79
C SER A 137 18.09 6.64 -14.07
N VAL A 138 18.84 5.79 -14.77
CA VAL A 138 19.30 4.53 -14.21
C VAL A 138 20.81 4.59 -13.94
N PHE A 139 21.18 4.47 -12.67
CA PHE A 139 22.58 4.54 -12.25
C PHE A 139 23.04 3.23 -11.64
N PRO A 140 24.30 2.83 -11.89
CA PRO A 140 24.81 1.57 -11.35
C PRO A 140 25.19 1.68 -9.89
N LEU A 141 24.75 0.69 -9.10
CA LEU A 141 25.20 0.53 -7.72
C LEU A 141 26.30 -0.54 -7.72
N ALA A 142 27.53 -0.10 -7.95
CA ALA A 142 28.65 -1.01 -8.20
C ALA A 142 29.03 -1.85 -6.99
N PRO A 143 29.55 -3.08 -7.23
CA PRO A 143 30.03 -3.92 -6.14
C PRO A 143 31.36 -3.41 -5.60
N SER A 144 31.64 -3.72 -4.33
CA SER A 144 32.82 -3.19 -3.64
C SER A 144 33.10 -4.00 -2.39
N SER A 145 34.12 -3.60 -1.63
CA SER A 145 34.40 -4.19 -0.32
C SER A 145 33.22 -3.99 0.63
N LYS A 146 32.59 -2.83 0.56
CA LYS A 146 31.45 -2.52 1.39
C LYS A 146 30.16 -3.22 0.96
N SER A 147 30.16 -3.81 -0.22
CA SER A 147 29.00 -4.54 -0.72
C SER A 147 29.17 -6.06 -0.61
N THR A 148 30.39 -6.53 -0.31
CA THR A 148 30.71 -7.95 -0.34
C THR A 148 30.91 -8.52 1.06
N SER A 149 30.51 -9.77 1.25
CA SER A 149 30.68 -10.46 2.52
C SER A 149 30.54 -11.97 2.34
N GLY A 150 31.51 -12.72 2.84
CA GLY A 150 31.48 -14.20 2.77
C GLY A 150 31.45 -14.74 1.35
N GLY A 151 32.19 -14.10 0.45
CA GLY A 151 32.22 -14.51 -0.95
C GLY A 151 30.93 -14.27 -1.69
N THR A 152 30.20 -13.22 -1.30
CA THR A 152 28.95 -12.86 -1.96
C THR A 152 28.83 -11.34 -2.07
N ALA A 153 28.94 -10.83 -3.29
CA ALA A 153 28.91 -9.40 -3.55
C ALA A 153 27.52 -8.94 -3.95
N ALA A 154 27.12 -7.77 -3.45
CA ALA A 154 25.86 -7.15 -3.84
C ALA A 154 26.13 -6.06 -4.87
N LEU A 155 25.28 -5.99 -5.89
CA LEU A 155 25.34 -4.94 -6.90
C LEU A 155 23.94 -4.72 -7.45
N GLY A 156 23.67 -3.51 -7.92
CA GLY A 156 22.31 -3.14 -8.30
C GLY A 156 22.21 -1.94 -9.23
N CYS A 157 20.98 -1.47 -9.40
CA CYS A 157 20.69 -0.28 -10.19
C CYS A 157 19.76 0.64 -9.42
N LEU A 158 20.05 1.94 -9.45
CA LEU A 158 19.20 2.96 -8.85
C LEU A 158 18.31 3.56 -9.95
N VAL A 159 17.01 3.33 -9.84
CA VAL A 159 16.04 3.86 -10.80
C VAL A 159 15.46 5.15 -10.23
N LYS A 160 16.04 6.29 -10.57
CA LYS A 160 15.73 7.56 -9.92
C LYS A 160 14.82 8.49 -10.74
N ASP A 161 13.93 9.20 -10.03
CA ASP A 161 13.13 10.28 -10.59
C ASP A 161 12.31 9.88 -11.82
N TYR A 162 11.25 9.09 -11.59
CA TYR A 162 10.30 8.74 -12.65
C TYR A 162 8.87 8.95 -12.19
N PHE A 163 7.98 9.11 -13.16
CA PHE A 163 6.54 9.23 -12.88
C PHE A 163 5.75 8.90 -14.14
N PRO A 164 4.66 8.15 -14.03
CA PRO A 164 4.17 7.58 -12.78
C PRO A 164 4.67 6.14 -12.59
N GLU A 165 4.10 5.43 -11.63
CA GLU A 165 4.27 3.98 -11.53
C GLU A 165 3.54 3.33 -12.72
N PRO A 166 3.93 2.13 -13.13
CA PRO A 166 4.98 1.32 -12.49
C PRO A 166 6.25 1.19 -13.34
N VAL A 167 7.29 0.64 -12.71
CA VAL A 167 8.53 0.29 -13.39
C VAL A 167 8.79 -1.19 -13.14
N THR A 168 9.15 -1.92 -14.19
CA THR A 168 9.57 -3.33 -14.05
C THR A 168 11.08 -3.42 -14.23
N VAL A 169 11.70 -4.29 -13.43
CA VAL A 169 13.15 -4.48 -13.46
C VAL A 169 13.48 -5.98 -13.50
N SER A 170 14.42 -6.35 -14.37
CA SER A 170 14.95 -7.71 -14.41
C SER A 170 16.46 -7.66 -14.64
N TRP A 171 17.10 -8.82 -14.61
CA TRP A 171 18.55 -8.90 -14.77
C TRP A 171 18.94 -9.89 -15.87
N ASN A 172 19.86 -9.46 -16.73
CA ASN A 172 20.30 -10.25 -17.88
C ASN A 172 19.13 -10.78 -18.73
N SER A 173 18.18 -9.89 -19.00
CA SER A 173 16.99 -10.21 -19.81
C SER A 173 16.17 -11.37 -19.22
N GLY A 174 16.15 -11.49 -17.91
CA GLY A 174 15.39 -12.55 -17.23
C GLY A 174 16.17 -13.81 -16.92
N ALA A 175 17.41 -13.91 -17.38
CA ALA A 175 18.25 -15.09 -17.15
C ALA A 175 18.74 -15.18 -15.71
N LEU A 176 18.78 -14.04 -15.01
CA LEU A 176 19.26 -13.97 -13.63
C LEU A 176 18.11 -13.64 -12.68
N THR A 177 17.61 -14.66 -11.98
CA THR A 177 16.45 -14.53 -11.10
C THR A 177 16.77 -14.77 -9.62
N SER A 178 17.73 -15.65 -9.32
CA SER A 178 18.10 -15.95 -7.94
C SER A 178 18.84 -14.78 -7.30
N GLY A 179 18.44 -14.42 -6.09
CA GLY A 179 19.09 -13.35 -5.33
C GLY A 179 18.72 -11.94 -5.77
N VAL A 180 17.61 -11.81 -6.50
CA VAL A 180 17.14 -10.51 -6.96
C VAL A 180 16.21 -9.89 -5.92
N HIS A 181 16.65 -8.77 -5.34
CA HIS A 181 15.83 -8.01 -4.40
C HIS A 181 15.45 -6.67 -5.03
N THR A 182 14.26 -6.63 -5.63
CA THR A 182 13.71 -5.40 -6.19
C THR A 182 12.81 -4.75 -5.15
N PHE A 183 13.22 -3.59 -4.66
CA PHE A 183 12.54 -2.92 -3.56
C PHE A 183 11.40 -2.04 -4.07
N PRO A 184 10.27 -1.98 -3.33
CA PRO A 184 9.19 -1.05 -3.65
C PRO A 184 9.65 0.40 -3.72
N ALA A 185 8.94 1.22 -4.49
CA ALA A 185 9.36 2.59 -4.75
C ALA A 185 9.12 3.52 -3.56
N VAL A 186 9.91 4.58 -3.50
CA VAL A 186 9.71 5.66 -2.54
C VAL A 186 9.20 6.90 -3.28
N LEU A 187 8.17 7.55 -2.73
CA LEU A 187 7.61 8.76 -3.32
C LEU A 187 8.26 10.00 -2.71
N GLN A 188 9.02 10.74 -3.51
CA GLN A 188 9.79 11.88 -3.05
C GLN A 188 8.91 13.13 -2.93
N SER A 189 9.48 14.20 -2.40
CA SER A 189 8.77 15.48 -2.25
C SER A 189 8.44 16.12 -3.60
N SER A 190 9.28 15.86 -4.61
CA SER A 190 9.07 16.40 -5.96
C SER A 190 7.90 15.76 -6.70
N GLY A 191 7.37 14.66 -6.16
CA GLY A 191 6.29 13.92 -6.82
C GLY A 191 6.82 12.81 -7.72
N LEU A 192 8.15 12.65 -7.74
CA LEU A 192 8.79 11.64 -8.57
C LEU A 192 9.15 10.42 -7.74
N TYR A 193 9.20 9.26 -8.38
CA TYR A 193 9.49 8.00 -7.71
C TYR A 193 10.96 7.60 -7.87
N SER A 194 11.43 6.82 -6.91
CA SER A 194 12.75 6.19 -6.99
C SER A 194 12.65 4.80 -6.40
N LEU A 195 13.35 3.84 -7.02
CA LEU A 195 13.47 2.49 -6.46
C LEU A 195 14.82 1.88 -6.81
N SER A 196 15.20 0.86 -6.05
CA SER A 196 16.46 0.15 -6.28
C SER A 196 16.21 -1.34 -6.44
N SER A 197 17.06 -1.98 -7.23
CA SER A 197 17.05 -3.43 -7.42
C SER A 197 18.47 -3.94 -7.27
N VAL A 198 18.65 -5.01 -6.50
CA VAL A 198 19.98 -5.53 -6.17
C VAL A 198 20.05 -7.04 -6.38
N VAL A 199 21.19 -7.50 -6.87
CA VAL A 199 21.47 -8.93 -7.01
C VAL A 199 22.63 -9.32 -6.11
N THR A 200 22.49 -10.44 -5.41
CA THR A 200 23.59 -11.05 -4.68
C THR A 200 24.21 -12.10 -5.59
N VAL A 201 25.50 -11.94 -5.87
CA VAL A 201 26.23 -12.86 -6.75
C VAL A 201 27.56 -13.25 -6.11
N PRO A 202 28.16 -14.37 -6.55
CA PRO A 202 29.48 -14.74 -6.05
C PRO A 202 30.55 -13.71 -6.43
N SER A 203 31.48 -13.45 -5.52
CA SER A 203 32.57 -12.51 -5.76
C SER A 203 33.50 -13.00 -6.86
N SER A 204 33.66 -14.32 -6.94
CA SER A 204 34.49 -14.97 -7.96
C SER A 204 33.94 -14.80 -9.38
N SER A 205 32.62 -14.63 -9.51
CA SER A 205 31.96 -14.54 -10.81
C SER A 205 32.03 -13.17 -11.47
N LEU A 206 32.46 -12.14 -10.74
CA LEU A 206 32.44 -10.76 -11.23
C LEU A 206 33.26 -10.55 -12.49
N GLY A 207 34.45 -11.16 -12.56
CA GLY A 207 35.34 -11.01 -13.71
C GLY A 207 35.01 -11.90 -14.91
N THR A 208 34.19 -12.92 -14.70
CA THR A 208 33.81 -13.85 -15.76
C THR A 208 32.34 -13.73 -16.16
N GLN A 209 31.71 -12.62 -15.76
CA GLN A 209 30.28 -12.43 -16.00
C GLN A 209 29.95 -10.94 -16.07
N THR A 210 29.07 -10.57 -17.00
CA THR A 210 28.59 -9.19 -17.10
C THR A 210 27.15 -9.12 -16.58
N TYR A 211 26.89 -8.18 -15.69
CA TYR A 211 25.57 -8.04 -15.07
C TYR A 211 24.88 -6.76 -15.54
N ILE A 212 23.72 -6.93 -16.16
CA ILE A 212 22.96 -5.83 -16.74
C ILE A 212 21.53 -5.83 -16.18
N CYS A 213 21.10 -4.70 -15.65
CA CYS A 213 19.71 -4.54 -15.20
C CYS A 213 18.85 -4.00 -16.35
N ASN A 214 17.65 -4.54 -16.49
CA ASN A 214 16.73 -4.15 -17.56
C ASN A 214 15.56 -3.36 -17.00
N VAL A 215 15.68 -2.03 -17.05
CA VAL A 215 14.65 -1.14 -16.51
C VAL A 215 13.70 -0.72 -17.61
N ASN A 216 12.41 -0.97 -17.39
CA ASN A 216 11.36 -0.62 -18.35
C ASN A 216 10.30 0.28 -17.71
N HIS A 217 9.98 1.38 -18.37
CA HIS A 217 8.96 2.33 -17.90
C HIS A 217 8.07 2.71 -19.08
N LYS A 218 6.92 2.06 -19.18
CA LYS A 218 6.05 2.15 -20.35
C LYS A 218 5.39 3.52 -20.57
N PRO A 219 5.00 4.22 -19.48
CA PRO A 219 4.38 5.54 -19.64
C PRO A 219 5.26 6.57 -20.37
N SER A 220 6.58 6.48 -20.22
CA SER A 220 7.51 7.38 -20.90
C SER A 220 8.25 6.71 -22.06
N ASN A 221 7.87 5.48 -22.39
CA ASN A 221 8.53 4.68 -23.44
C ASN A 221 10.04 4.57 -23.21
N THR A 222 10.42 4.34 -21.96
CA THR A 222 11.82 4.28 -21.57
C THR A 222 12.22 2.83 -21.27
N LYS A 223 13.16 2.31 -22.05
CA LYS A 223 13.70 0.98 -21.86
C LYS A 223 15.21 1.15 -21.83
N VAL A 224 15.82 0.85 -20.68
CA VAL A 224 17.25 1.03 -20.49
C VAL A 224 17.87 -0.25 -19.94
N ASP A 225 19.02 -0.62 -20.50
CA ASP A 225 19.81 -1.76 -20.00
C ASP A 225 21.14 -1.23 -19.51
N LYS A 226 21.34 -1.26 -18.19
CA LYS A 226 22.52 -0.66 -17.57
C LYS A 226 23.52 -1.70 -17.08
N LYS A 227 24.75 -1.59 -17.57
CA LYS A 227 25.85 -2.48 -17.18
C LYS A 227 26.39 -2.04 -15.81
N VAL A 228 26.43 -2.98 -14.86
CA VAL A 228 26.92 -2.71 -13.51
C VAL A 228 28.25 -3.42 -13.31
N GLU A 229 29.29 -2.67 -12.94
CA GLU A 229 30.63 -3.22 -12.75
C GLU A 229 31.42 -2.40 -11.73
N PRO A 230 32.52 -2.98 -11.17
CA PRO A 230 33.32 -2.28 -10.17
C PRO A 230 33.90 -0.96 -10.67
N LYS A 231 34.02 0.02 -9.78
CA LYS A 231 34.59 1.32 -10.13
C LYS A 231 36.12 1.29 -9.99
N SER A 232 36.80 2.06 -10.84
CA SER A 232 38.25 2.11 -10.86
C SER A 232 38.75 3.56 -10.68
N CYS A 233 40.05 3.76 -10.85
CA CYS A 233 40.66 5.09 -10.71
C CYS A 233 41.53 5.41 -11.93
N GLN B 1 -10.62 10.19 14.26
CA GLN B 1 -11.85 10.92 13.98
C GLN B 1 -13.00 10.00 13.62
N SER B 2 -12.70 8.80 13.13
CA SER B 2 -13.77 7.88 12.77
C SER B 2 -14.78 7.78 13.91
N VAL B 3 -16.04 7.55 13.55
CA VAL B 3 -17.11 7.49 14.54
C VAL B 3 -17.02 6.17 15.29
N LEU B 4 -16.70 5.11 14.54
CA LEU B 4 -16.48 3.78 15.12
C LEU B 4 -15.00 3.65 15.47
N THR B 5 -14.72 3.27 16.72
CA THR B 5 -13.35 3.17 17.22
C THR B 5 -12.91 1.72 17.31
N GLN B 6 -11.98 1.32 16.44
CA GLN B 6 -11.31 0.03 16.53
C GLN B 6 -9.92 0.19 17.10
N PRO B 7 -9.34 -0.90 17.65
CA PRO B 7 -7.94 -0.85 18.03
C PRO B 7 -7.05 -0.92 16.79
N PRO B 8 -6.00 -0.08 16.72
CA PRO B 8 -5.18 -0.03 15.51
C PRO B 8 -4.41 -1.33 15.20
N SER B 9 -4.14 -2.14 16.21
CA SER B 9 -3.47 -3.42 16.00
C SER B 9 -3.72 -4.42 17.13
N VAL B 10 -3.69 -5.71 16.77
CA VAL B 10 -3.76 -6.82 17.73
C VAL B 10 -2.84 -7.95 17.25
N SER B 11 -2.55 -8.89 18.14
CA SER B 11 -1.66 -10.02 17.82
C SER B 11 -1.81 -11.19 18.78
N ALA B 12 -1.61 -12.40 18.26
CA ALA B 12 -1.70 -13.62 19.06
C ALA B 12 -1.04 -14.80 18.33
N ALA B 13 -0.90 -15.93 19.03
CA ALA B 13 -0.24 -17.12 18.46
C ALA B 13 -1.23 -18.04 17.73
N PRO B 14 -0.74 -18.81 16.73
CA PRO B 14 -1.56 -19.82 16.05
C PRO B 14 -2.21 -20.80 17.04
N GLY B 15 -3.53 -20.96 16.93
CA GLY B 15 -4.30 -21.78 17.87
C GLY B 15 -5.02 -20.96 18.91
N GLN B 16 -4.48 -19.78 19.24
CA GLN B 16 -5.08 -18.89 20.24
C GLN B 16 -6.30 -18.17 19.66
N LYS B 17 -7.04 -17.50 20.53
CA LYS B 17 -8.17 -16.66 20.12
C LYS B 17 -7.88 -15.20 20.42
N VAL B 18 -8.49 -14.30 19.63
CA VAL B 18 -8.31 -12.87 19.79
C VAL B 18 -9.61 -12.13 19.49
N THR B 19 -9.79 -10.97 20.13
CA THR B 19 -10.99 -10.16 19.95
C THR B 19 -10.62 -8.79 19.35
N ILE B 20 -11.51 -8.27 18.51
CA ILE B 20 -11.35 -6.93 17.94
C ILE B 20 -12.59 -6.11 18.28
N SER B 21 -12.42 -5.09 19.12
CA SER B 21 -13.54 -4.26 19.56
C SER B 21 -13.91 -3.22 18.51
N CYS B 22 -15.17 -2.79 18.55
CA CYS B 22 -15.66 -1.71 17.70
C CYS B 22 -16.74 -0.94 18.45
N SER B 23 -16.36 0.21 19.00
CA SER B 23 -17.23 1.02 19.84
C SER B 23 -17.80 2.20 19.06
N GLY B 24 -19.09 2.47 19.26
CA GLY B 24 -19.78 3.55 18.58
C GLY B 24 -20.73 4.31 19.49
N SER B 25 -21.89 4.68 18.96
CA SER B 25 -22.87 5.47 19.69
C SER B 25 -24.29 5.03 19.32
N SER B 26 -25.29 5.73 19.85
CA SER B 26 -26.70 5.43 19.54
C SER B 26 -27.07 5.71 18.09
N SER B 27 -26.35 6.61 17.43
CA SER B 27 -26.62 6.97 16.04
C SER B 27 -26.14 5.92 15.02
N ASN B 28 -25.26 5.01 15.45
CA ASN B 28 -24.73 3.98 14.54
C ASN B 28 -24.90 2.54 15.05
N ILE B 29 -24.05 2.11 15.99
CA ILE B 29 -24.10 0.74 16.49
C ILE B 29 -25.32 0.52 17.37
N GLY B 30 -25.66 1.53 18.18
CA GLY B 30 -26.78 1.44 19.11
C GLY B 30 -28.13 1.21 18.48
N ASN B 31 -28.35 1.75 17.29
CA ASN B 31 -29.63 1.60 16.59
C ASN B 31 -29.55 0.94 15.22
N ASN B 32 -28.54 0.12 14.99
CA ASN B 32 -28.38 -0.54 13.69
C ASN B 32 -27.50 -1.79 13.74
N TYR B 33 -27.58 -2.58 12.67
CA TYR B 33 -26.75 -3.76 12.50
C TYR B 33 -25.32 -3.38 12.11
N VAL B 34 -24.36 -4.17 12.58
CA VAL B 34 -22.95 -4.00 12.24
C VAL B 34 -22.47 -5.16 11.38
N SER B 35 -21.60 -4.87 10.42
CA SER B 35 -20.94 -5.89 9.61
C SER B 35 -19.42 -5.75 9.74
N TRP B 36 -18.72 -6.87 9.63
CA TRP B 36 -17.26 -6.89 9.69
C TRP B 36 -16.69 -7.30 8.34
N TYR B 37 -15.52 -6.78 8.01
CA TYR B 37 -14.89 -7.02 6.71
C TYR B 37 -13.42 -7.41 6.85
N GLN B 38 -13.03 -8.50 6.19
CA GLN B 38 -11.63 -8.91 6.14
C GLN B 38 -11.01 -8.45 4.83
N GLN B 39 -9.80 -7.89 4.92
CA GLN B 39 -9.04 -7.50 3.73
C GLN B 39 -7.64 -8.10 3.81
N LEU B 40 -7.42 -9.18 3.06
CA LEU B 40 -6.10 -9.81 2.98
C LEU B 40 -5.13 -8.89 2.22
N PRO B 41 -3.83 -8.95 2.56
CA PRO B 41 -2.83 -8.11 1.88
C PRO B 41 -2.90 -8.19 0.35
N GLY B 42 -3.12 -7.04 -0.28
CA GLY B 42 -3.18 -6.96 -1.75
C GLY B 42 -4.45 -7.52 -2.36
N THR B 43 -5.56 -7.44 -1.63
CA THR B 43 -6.86 -7.88 -2.14
C THR B 43 -7.95 -6.88 -1.75
N ALA B 44 -9.13 -7.06 -2.35
CA ALA B 44 -10.29 -6.25 -2.00
C ALA B 44 -10.90 -6.78 -0.70
N PRO B 45 -11.69 -5.94 0.00
CA PRO B 45 -12.37 -6.41 1.21
C PRO B 45 -13.40 -7.51 0.92
N LYS B 46 -13.58 -8.39 1.90
CA LYS B 46 -14.55 -9.48 1.82
C LYS B 46 -15.48 -9.38 3.03
N LEU B 47 -16.78 -9.58 2.81
CA LEU B 47 -17.75 -9.55 3.91
C LEU B 47 -17.50 -10.73 4.85
N LEU B 48 -17.21 -10.44 6.11
CA LEU B 48 -16.93 -11.48 7.09
C LEU B 48 -18.17 -11.80 7.90
N ILE B 49 -18.70 -10.81 8.58
CA ILE B 49 -19.92 -10.97 9.38
C ILE B 49 -20.94 -9.92 8.92
N TYR B 50 -22.23 -10.28 8.99
CA TYR B 50 -23.31 -9.32 8.78
C TYR B 50 -24.35 -9.45 9.90
N ASP B 51 -25.09 -8.37 10.13
CA ASP B 51 -26.11 -8.31 11.18
C ASP B 51 -25.58 -8.75 12.55
N ASN B 52 -24.44 -8.17 12.95
CA ASN B 52 -23.83 -8.40 14.26
C ASN B 52 -23.14 -9.77 14.39
N ASN B 53 -23.86 -10.87 14.13
CA ASN B 53 -23.34 -12.22 14.35
C ASN B 53 -23.52 -13.29 13.24
N LYS B 54 -24.03 -12.90 12.07
CA LYS B 54 -24.31 -13.87 11.01
C LYS B 54 -23.10 -14.01 10.09
N ARG B 55 -22.87 -15.22 9.58
CA ARG B 55 -21.78 -15.49 8.65
C ARG B 55 -22.34 -15.87 7.27
N PRO B 56 -21.76 -15.33 6.19
CA PRO B 56 -22.11 -15.80 4.85
C PRO B 56 -21.41 -17.12 4.52
N SER B 57 -21.83 -17.74 3.42
CA SER B 57 -21.24 -19.02 3.01
C SER B 57 -19.76 -18.87 2.66
N GLY B 58 -18.96 -19.85 3.05
CA GLY B 58 -17.52 -19.84 2.80
C GLY B 58 -16.68 -19.26 3.93
N ILE B 59 -17.35 -18.71 4.95
CA ILE B 59 -16.66 -18.15 6.11
C ILE B 59 -16.81 -19.15 7.26
N PRO B 60 -15.68 -19.64 7.81
CA PRO B 60 -15.74 -20.68 8.85
C PRO B 60 -16.28 -20.18 10.18
N ASP B 61 -16.69 -21.11 11.04
CA ASP B 61 -17.27 -20.80 12.35
C ASP B 61 -16.24 -20.32 13.39
N ARG B 62 -14.96 -20.35 13.03
CA ARG B 62 -13.91 -19.76 13.86
C ARG B 62 -14.16 -18.27 14.08
N PHE B 63 -14.69 -17.60 13.06
CA PHE B 63 -15.06 -16.20 13.15
C PHE B 63 -16.46 -16.08 13.76
N SER B 64 -16.65 -15.13 14.66
CA SER B 64 -17.94 -14.92 15.32
C SER B 64 -18.09 -13.48 15.80
N GLY B 65 -19.33 -13.02 15.90
CA GLY B 65 -19.62 -11.64 16.26
C GLY B 65 -20.49 -11.51 17.50
N SER B 66 -20.22 -10.48 18.30
CA SER B 66 -21.00 -10.19 19.50
C SER B 66 -21.41 -8.71 19.52
N LYS B 67 -22.49 -8.42 20.23
CA LYS B 67 -22.96 -7.04 20.41
C LYS B 67 -23.41 -6.84 21.87
N SER B 68 -23.12 -5.65 22.39
CA SER B 68 -23.50 -5.29 23.75
C SER B 68 -23.71 -3.78 23.86
N GLY B 69 -24.87 -3.32 23.39
CA GLY B 69 -25.21 -1.90 23.39
C GLY B 69 -24.52 -1.16 22.26
N THR B 70 -23.66 -0.22 22.61
CA THR B 70 -22.92 0.58 21.63
C THR B 70 -21.65 -0.10 21.12
N SER B 71 -21.22 -1.18 21.77
CA SER B 71 -20.01 -1.90 21.39
C SER B 71 -20.30 -3.15 20.57
N THR B 72 -19.35 -3.52 19.71
CA THR B 72 -19.41 -4.73 18.90
C THR B 72 -18.03 -5.39 18.93
N THR B 73 -18.00 -6.72 18.85
CA THR B 73 -16.74 -7.46 18.91
C THR B 73 -16.68 -8.54 17.83
N LEU B 74 -15.46 -8.80 17.34
CA LEU B 74 -15.20 -9.88 16.38
C LEU B 74 -14.24 -10.89 17.02
N GLY B 75 -14.75 -12.07 17.33
CA GLY B 75 -13.93 -13.14 17.92
C GLY B 75 -13.38 -14.06 16.85
N ILE B 76 -12.11 -14.47 17.01
CA ILE B 76 -11.47 -15.40 16.08
C ILE B 76 -10.74 -16.48 16.85
N THR B 77 -11.35 -17.66 16.96
CA THR B 77 -10.73 -18.80 17.62
C THR B 77 -9.85 -19.58 16.65
N GLY B 78 -8.91 -20.35 17.18
CA GLY B 78 -8.02 -21.19 16.37
C GLY B 78 -7.34 -20.44 15.25
N LEU B 79 -6.58 -19.41 15.62
CA LEU B 79 -5.88 -18.56 14.63
C LEU B 79 -5.02 -19.34 13.64
N GLN B 80 -4.91 -18.80 12.43
CA GLN B 80 -4.07 -19.36 11.38
C GLN B 80 -3.25 -18.26 10.72
N THR B 81 -2.17 -18.64 10.05
CA THR B 81 -1.31 -17.69 9.33
C THR B 81 -2.07 -16.95 8.22
N GLY B 82 -3.02 -17.64 7.59
CA GLY B 82 -3.85 -17.05 6.55
C GLY B 82 -4.82 -15.98 7.02
N ASP B 83 -5.04 -15.90 8.34
CA ASP B 83 -5.92 -14.89 8.92
C ASP B 83 -5.26 -13.52 9.11
N GLU B 84 -3.98 -13.38 8.75
CA GLU B 84 -3.32 -12.08 8.77
C GLU B 84 -4.02 -11.13 7.80
N ALA B 85 -4.67 -10.10 8.35
CA ALA B 85 -5.43 -9.15 7.54
C ALA B 85 -5.80 -7.90 8.33
N ASP B 86 -6.31 -6.91 7.61
CA ASP B 86 -6.89 -5.71 8.21
C ASP B 86 -8.39 -5.96 8.34
N TYR B 87 -8.93 -5.72 9.53
CA TYR B 87 -10.35 -5.95 9.82
C TYR B 87 -11.09 -4.65 10.11
N TYR B 88 -12.20 -4.44 9.39
CA TYR B 88 -13.00 -3.23 9.52
C TYR B 88 -14.42 -3.54 9.95
N CYS B 89 -14.94 -2.76 10.90
CA CYS B 89 -16.36 -2.80 11.25
C CYS B 89 -17.05 -1.64 10.55
N GLY B 90 -18.29 -1.86 10.14
CA GLY B 90 -19.04 -0.84 9.40
C GLY B 90 -20.53 -0.87 9.67
N THR B 91 -21.16 0.30 9.53
CA THR B 91 -22.61 0.42 9.69
C THR B 91 -23.08 1.77 9.13
N TRP B 92 -24.38 2.04 9.27
CA TRP B 92 -24.98 3.31 8.87
C TRP B 92 -25.13 4.22 10.08
N ASP B 93 -24.66 5.46 9.96
CA ASP B 93 -24.80 6.45 11.02
C ASP B 93 -25.95 7.40 10.69
N SER B 94 -26.96 7.43 11.57
CA SER B 94 -28.17 8.23 11.33
C SER B 94 -27.97 9.73 11.55
N ARG B 95 -26.91 10.12 12.27
CA ARG B 95 -26.60 11.54 12.47
C ARG B 95 -25.89 12.11 11.25
N LEU B 96 -24.89 11.37 10.76
CA LEU B 96 -24.11 11.79 9.60
C LEU B 96 -24.81 11.54 8.26
N SER B 97 -25.87 10.73 8.27
CA SER B 97 -26.57 10.34 7.05
C SER B 97 -25.59 9.73 6.05
N ALA B 98 -24.83 8.76 6.53
CA ALA B 98 -23.72 8.20 5.77
C ALA B 98 -23.32 6.82 6.29
N VAL B 99 -22.87 5.96 5.38
CA VAL B 99 -22.25 4.70 5.77
C VAL B 99 -20.88 5.04 6.36
N VAL B 100 -20.51 4.32 7.41
CA VAL B 100 -19.32 4.66 8.19
C VAL B 100 -18.48 3.41 8.44
N PHE B 101 -17.16 3.61 8.50
CA PHE B 101 -16.21 2.53 8.81
C PHE B 101 -15.37 2.90 10.03
N GLY B 102 -14.77 1.89 10.64
CA GLY B 102 -13.76 2.12 11.67
C GLY B 102 -12.42 2.37 11.03
N GLY B 103 -11.44 2.77 11.84
CA GLY B 103 -10.09 3.03 11.36
C GLY B 103 -9.40 1.79 10.79
N GLY B 104 -9.75 0.62 11.34
CA GLY B 104 -9.18 -0.65 10.92
C GLY B 104 -8.37 -1.27 12.03
N THR B 105 -8.04 -2.55 11.89
CA THR B 105 -7.24 -3.28 12.87
C THR B 105 -6.30 -4.26 12.19
N LYS B 106 -5.00 -4.05 12.36
CA LYS B 106 -3.98 -4.99 11.85
C LYS B 106 -3.85 -6.19 12.78
N LEU B 107 -4.25 -7.36 12.28
CA LEU B 107 -4.04 -8.61 13.00
C LEU B 107 -2.77 -9.27 12.48
N THR B 108 -1.73 -9.30 13.31
CA THR B 108 -0.48 -9.99 12.97
C THR B 108 -0.36 -11.22 13.86
N VAL B 109 -0.23 -12.39 13.22
CA VAL B 109 -0.15 -13.67 13.93
C VAL B 109 1.30 -13.95 14.32
N LEU B 110 1.48 -14.44 15.54
CA LEU B 110 2.81 -14.80 16.01
C LEU B 110 3.14 -16.08 15.26
N GLY B 111 3.70 -15.92 14.07
CA GLY B 111 4.01 -17.08 13.21
C GLY B 111 5.45 -17.17 12.74
N GLN B 112 6.37 -16.49 13.44
CA GLN B 112 7.77 -16.46 13.03
C GLN B 112 8.67 -15.93 14.16
N PRO B 113 9.93 -16.41 14.21
CA PRO B 113 10.89 -15.86 15.17
C PRO B 113 11.36 -14.46 14.80
N LYS B 114 11.97 -13.78 15.78
CA LYS B 114 12.54 -12.45 15.58
C LYS B 114 13.78 -12.55 14.71
N ALA B 115 13.86 -11.71 13.67
CA ALA B 115 14.97 -11.72 12.72
C ALA B 115 15.55 -10.32 12.54
N ASN B 116 16.88 -10.22 12.53
CA ASN B 116 17.57 -8.94 12.41
C ASN B 116 17.79 -8.54 10.96
N PRO B 117 17.79 -7.22 10.68
CA PRO B 117 17.90 -6.74 9.30
C PRO B 117 19.31 -6.80 8.74
N THR B 118 19.42 -7.18 7.47
CA THR B 118 20.67 -7.09 6.72
C THR B 118 20.68 -5.74 6.02
N VAL B 119 21.70 -4.93 6.29
CA VAL B 119 21.80 -3.58 5.73
C VAL B 119 22.93 -3.48 4.72
N THR B 120 22.66 -2.84 3.59
CA THR B 120 23.67 -2.57 2.56
C THR B 120 23.57 -1.10 2.15
N LEU B 121 24.67 -0.38 2.27
CA LEU B 121 24.70 1.06 1.96
C LEU B 121 25.59 1.34 0.75
N PHE B 122 24.99 1.91 -0.30
CA PHE B 122 25.71 2.31 -1.50
C PHE B 122 25.91 3.82 -1.54
N PRO B 123 27.10 4.28 -1.98
CA PRO B 123 27.32 5.70 -2.18
C PRO B 123 26.82 6.17 -3.55
N PRO B 124 26.89 7.48 -3.83
CA PRO B 124 26.53 7.96 -5.17
C PRO B 124 27.50 7.44 -6.22
N SER B 125 26.97 7.09 -7.39
CA SER B 125 27.80 6.63 -8.50
C SER B 125 28.49 7.84 -9.16
N SER B 126 29.60 7.59 -9.82
CA SER B 126 30.32 8.63 -10.56
C SER B 126 29.42 9.25 -11.65
N GLU B 127 28.59 8.41 -12.25
CA GLU B 127 27.65 8.85 -13.29
C GLU B 127 26.60 9.81 -12.73
N GLU B 128 26.11 9.52 -11.53
CA GLU B 128 25.13 10.39 -10.87
C GLU B 128 25.77 11.73 -10.47
N LEU B 129 26.97 11.67 -9.89
CA LEU B 129 27.72 12.88 -9.53
C LEU B 129 28.05 13.73 -10.75
N GLN B 130 28.24 13.08 -11.90
CA GLN B 130 28.48 13.77 -13.16
C GLN B 130 27.23 14.51 -13.66
N ALA B 131 26.06 14.01 -13.28
CA ALA B 131 24.78 14.67 -13.60
C ALA B 131 24.34 15.66 -12.52
N ASN B 132 25.25 16.01 -11.61
CA ASN B 132 25.01 17.00 -10.57
C ASN B 132 23.94 16.59 -9.54
N LYS B 133 23.83 15.28 -9.30
CA LYS B 133 22.96 14.74 -8.25
C LYS B 133 23.80 13.84 -7.35
N ALA B 134 23.21 13.42 -6.23
CA ALA B 134 23.88 12.49 -5.31
C ALA B 134 22.85 11.80 -4.42
N THR B 135 22.83 10.48 -4.46
CA THR B 135 21.88 9.69 -3.67
C THR B 135 22.58 8.53 -3.00
N LEU B 136 22.53 8.51 -1.67
CA LEU B 136 22.98 7.37 -0.89
C LEU B 136 21.80 6.40 -0.79
N VAL B 137 22.05 5.12 -1.04
CA VAL B 137 20.99 4.11 -1.04
C VAL B 137 21.23 3.09 0.07
N CYS B 138 20.35 3.09 1.07
CA CYS B 138 20.42 2.16 2.18
C CYS B 138 19.31 1.12 2.04
N LEU B 139 19.71 -0.14 1.92
CA LEU B 139 18.77 -1.23 1.66
C LEU B 139 18.68 -2.21 2.82
N ILE B 140 17.46 -2.45 3.28
CA ILE B 140 17.21 -3.17 4.51
C ILE B 140 16.35 -4.40 4.19
N SER B 141 16.82 -5.58 4.56
CA SER B 141 16.13 -6.82 4.20
C SER B 141 16.20 -7.91 5.28
N ASP B 142 15.28 -8.86 5.20
CA ASP B 142 15.25 -10.05 6.05
C ASP B 142 15.10 -9.75 7.54
N PHE B 143 14.14 -8.89 7.89
CA PHE B 143 13.84 -8.59 9.29
C PHE B 143 12.40 -8.91 9.64
N TYR B 144 12.18 -9.27 10.91
CA TYR B 144 10.86 -9.62 11.43
C TYR B 144 10.82 -9.33 12.93
N PRO B 145 9.77 -8.66 13.44
CA PRO B 145 8.59 -8.26 12.68
C PRO B 145 8.82 -7.02 11.79
N GLY B 146 7.86 -6.76 10.91
CA GLY B 146 8.00 -5.70 9.92
C GLY B 146 7.86 -4.29 10.47
N ALA B 147 8.93 -3.80 11.11
CA ALA B 147 8.95 -2.45 11.66
C ALA B 147 10.39 -2.01 11.93
N VAL B 148 10.81 -0.93 11.27
CA VAL B 148 12.17 -0.41 11.44
C VAL B 148 12.19 1.11 11.50
N THR B 149 13.19 1.63 12.19
CA THR B 149 13.49 3.06 12.23
C THR B 149 14.83 3.27 11.53
N VAL B 150 14.90 4.30 10.69
CA VAL B 150 16.12 4.63 9.96
C VAL B 150 16.57 6.05 10.31
N ALA B 151 17.82 6.16 10.75
CA ALA B 151 18.42 7.47 11.06
C ALA B 151 19.72 7.63 10.27
N TRP B 152 19.92 8.82 9.73
CA TRP B 152 21.13 9.13 8.97
C TRP B 152 22.02 10.09 9.77
N LYS B 153 23.31 10.05 9.48
CA LYS B 153 24.27 10.95 10.11
C LYS B 153 25.38 11.36 9.13
N ALA B 154 26.04 12.47 9.44
CA ALA B 154 27.17 12.97 8.67
C ALA B 154 28.20 13.56 9.63
N ASP B 155 29.33 12.88 9.78
CA ASP B 155 30.35 13.25 10.76
C ASP B 155 29.80 13.33 12.19
N GLY B 156 28.89 12.42 12.52
CA GLY B 156 28.30 12.35 13.86
C GLY B 156 26.98 13.09 14.03
N SER B 157 26.80 14.18 13.28
CA SER B 157 25.59 15.00 13.39
C SER B 157 24.44 14.39 12.57
N PRO B 158 23.21 14.42 13.11
CA PRO B 158 22.07 13.88 12.37
C PRO B 158 21.67 14.76 11.18
N VAL B 159 20.91 14.15 10.28
CA VAL B 159 20.44 14.82 9.08
C VAL B 159 19.01 14.39 8.79
N LYS B 160 18.07 15.33 8.82
CA LYS B 160 16.68 15.02 8.53
C LYS B 160 16.28 15.40 7.12
N ALA B 161 16.91 16.43 6.58
CA ALA B 161 16.65 16.88 5.21
C ALA B 161 17.23 15.92 4.18
N GLY B 162 16.42 15.59 3.16
CA GLY B 162 16.83 14.70 2.08
C GLY B 162 16.46 13.24 2.28
N VAL B 163 16.01 12.88 3.49
CA VAL B 163 15.71 11.49 3.82
C VAL B 163 14.33 11.10 3.31
N GLU B 164 14.28 10.01 2.54
CA GLU B 164 13.03 9.43 2.07
C GLU B 164 13.04 7.93 2.36
N THR B 165 12.26 7.51 3.35
CA THR B 165 12.24 6.12 3.79
C THR B 165 10.90 5.47 3.45
N THR B 166 10.93 4.22 3.02
CA THR B 166 9.70 3.56 2.68
C THR B 166 9.19 2.68 3.80
N LYS B 167 7.91 2.36 3.74
CA LYS B 167 7.30 1.45 4.71
C LYS B 167 7.88 0.05 4.52
N PRO B 168 7.81 -0.80 5.56
CA PRO B 168 8.18 -2.20 5.35
C PRO B 168 7.22 -2.90 4.40
N SER B 169 7.75 -3.85 3.62
CA SER B 169 6.96 -4.63 2.68
C SER B 169 7.33 -6.10 2.80
N LYS B 170 6.33 -6.97 2.74
CA LYS B 170 6.54 -8.40 2.94
C LYS B 170 7.27 -9.03 1.76
N GLN B 171 8.40 -9.67 2.06
CA GLN B 171 9.16 -10.44 1.07
C GLN B 171 8.47 -11.78 0.82
N SER B 172 8.96 -12.52 -0.17
CA SER B 172 8.41 -13.84 -0.50
C SER B 172 8.66 -14.89 0.60
N ASN B 173 9.72 -14.68 1.40
CA ASN B 173 10.03 -15.57 2.52
C ASN B 173 9.36 -15.18 3.85
N ASN B 174 8.36 -14.31 3.79
CA ASN B 174 7.59 -13.86 4.95
C ASN B 174 8.33 -12.93 5.92
N LYS B 175 9.57 -12.57 5.60
CA LYS B 175 10.28 -11.52 6.31
C LYS B 175 10.03 -10.21 5.59
N TYR B 176 10.57 -9.10 6.10
CA TYR B 176 10.27 -7.79 5.54
C TYR B 176 11.48 -7.10 4.95
N ALA B 177 11.21 -6.21 3.99
CA ALA B 177 12.23 -5.39 3.34
C ALA B 177 11.84 -3.93 3.42
N ALA B 178 12.83 -3.06 3.33
CA ALA B 178 12.62 -1.62 3.31
C ALA B 178 13.84 -0.93 2.73
N SER B 179 13.72 0.36 2.44
CA SER B 179 14.83 1.12 1.88
C SER B 179 14.73 2.59 2.29
N SER B 180 15.89 3.23 2.44
CA SER B 180 15.96 4.65 2.76
C SER B 180 16.95 5.33 1.83
N TYR B 181 16.55 6.48 1.30
CA TYR B 181 17.37 7.24 0.38
C TYR B 181 17.73 8.58 1.02
N LEU B 182 18.96 9.04 0.78
CA LEU B 182 19.40 10.36 1.25
C LEU B 182 19.89 11.16 0.06
N SER B 183 19.11 12.15 -0.35
CA SER B 183 19.45 13.00 -1.48
C SER B 183 20.34 14.16 -1.04
N LEU B 184 21.39 14.40 -1.81
CA LEU B 184 22.33 15.49 -1.55
C LEU B 184 22.75 16.14 -2.85
N THR B 185 23.50 17.23 -2.75
CA THR B 185 24.23 17.79 -3.88
C THR B 185 25.60 17.13 -3.88
N PRO B 186 26.32 17.19 -5.02
CA PRO B 186 27.70 16.70 -5.03
C PRO B 186 28.59 17.46 -4.03
N GLU B 187 28.33 18.75 -3.87
CA GLU B 187 29.15 19.62 -3.03
C GLU B 187 29.14 19.19 -1.58
N GLN B 188 27.95 19.03 -1.00
CA GLN B 188 27.83 18.65 0.41
C GLN B 188 28.12 17.16 0.66
N TRP B 189 28.02 16.33 -0.38
CA TRP B 189 28.49 14.95 -0.31
C TRP B 189 30.01 14.92 -0.12
N LYS B 190 30.72 15.73 -0.92
CA LYS B 190 32.18 15.82 -0.84
C LYS B 190 32.68 16.59 0.39
N SER B 191 31.85 17.46 0.95
CA SER B 191 32.25 18.30 2.08
C SER B 191 32.41 17.53 3.39
N HIS B 192 31.69 16.41 3.53
CA HIS B 192 31.77 15.60 4.75
C HIS B 192 32.76 14.44 4.60
N ARG B 193 33.25 13.95 5.74
CA ARG B 193 34.21 12.86 5.79
C ARG B 193 33.55 11.53 5.55
N SER B 194 32.43 11.31 6.21
CA SER B 194 31.66 10.07 6.04
C SER B 194 30.17 10.28 6.35
N TYR B 195 29.34 9.46 5.72
CA TYR B 195 27.90 9.40 6.02
C TYR B 195 27.59 8.01 6.58
N SER B 196 26.49 7.90 7.32
CA SER B 196 26.14 6.63 7.96
C SER B 196 24.63 6.37 7.97
N CYS B 197 24.25 5.15 7.62
CA CYS B 197 22.85 4.71 7.68
C CYS B 197 22.65 3.78 8.87
N GLN B 198 21.87 4.24 9.85
CA GLN B 198 21.64 3.50 11.10
C GLN B 198 20.22 2.94 11.13
N VAL B 199 20.10 1.62 11.06
CA VAL B 199 18.81 0.94 11.00
C VAL B 199 18.49 0.28 12.34
N THR B 200 17.45 0.78 13.02
CA THR B 200 17.07 0.28 14.33
C THR B 200 15.88 -0.68 14.23
N HIS B 201 15.98 -1.82 14.92
CA HIS B 201 14.95 -2.86 14.91
C HIS B 201 14.88 -3.53 16.28
N GLU B 202 13.74 -3.38 16.95
CA GLU B 202 13.54 -3.90 18.32
C GLU B 202 14.57 -3.34 19.30
N GLY B 203 14.87 -2.05 19.18
CA GLY B 203 15.83 -1.38 20.05
C GLY B 203 17.30 -1.60 19.72
N SER B 204 17.59 -2.49 18.77
CA SER B 204 18.96 -2.81 18.38
C SER B 204 19.25 -2.24 16.98
N THR B 205 20.43 -1.68 16.82
CA THR B 205 20.76 -0.91 15.61
C THR B 205 21.92 -1.51 14.81
N VAL B 206 21.81 -1.43 13.49
CA VAL B 206 22.87 -1.85 12.57
C VAL B 206 23.29 -0.63 11.75
N GLU B 207 24.58 -0.29 11.79
CA GLU B 207 25.10 0.88 11.08
C GLU B 207 25.99 0.48 9.90
N LYS B 208 25.88 1.24 8.80
CA LYS B 208 26.79 1.12 7.67
C LYS B 208 27.30 2.51 7.28
N THR B 209 28.48 2.56 6.68
CA THR B 209 29.15 3.83 6.42
C THR B 209 29.76 3.89 5.01
N VAL B 210 29.68 5.07 4.39
CA VAL B 210 30.33 5.35 3.11
C VAL B 210 31.01 6.71 3.15
N ALA B 211 32.03 6.90 2.32
CA ALA B 211 32.79 8.15 2.28
C ALA B 211 33.17 8.53 0.84
N PRO B 212 33.35 9.84 0.58
CA PRO B 212 33.69 10.30 -0.78
C PRO B 212 35.09 9.91 -1.25
N THR B 213 36.01 9.71 -0.30
CA THR B 213 37.38 9.32 -0.62
C THR B 213 37.49 7.85 -1.04
N GLU B 214 36.48 7.04 -0.70
CA GLU B 214 36.50 5.60 -0.99
C GLU B 214 36.22 5.28 -2.45
N CYS B 215 36.71 4.12 -2.88
CA CYS B 215 36.47 3.60 -4.23
C CYS B 215 36.97 2.16 -4.39
C1 BU2 C . -27.59 2.17 1.98
O1 BU2 C . -27.44 1.73 3.33
C2 BU2 C . -29.05 2.05 1.57
C3 BU2 C . -29.28 2.61 0.17
O3 BU2 C . -30.12 1.72 -0.58
C4 BU2 C . -29.92 3.99 0.21
C1 MPD D . -5.31 -0.94 9.26
C2 MPD D . -4.34 0.12 8.76
O2 MPD D . -3.16 -0.56 8.30
CM MPD D . -4.93 0.87 7.59
C3 MPD D . -3.89 1.11 9.86
C4 MPD D . -4.94 1.44 10.91
O4 MPD D . -4.95 0.44 11.94
C5 MPD D . -4.65 2.79 11.56
C1 MPD E . 25.40 -8.62 0.27
C2 MPD E . 25.83 -9.00 1.69
O2 MPD E . 24.69 -8.94 2.54
CM MPD E . 26.37 -10.42 1.70
C3 MPD E . 26.91 -8.05 2.21
C4 MPD E . 26.50 -6.58 2.23
O4 MPD E . 25.19 -6.43 2.81
C5 MPD E . 27.48 -5.75 3.05
#